data_4P38
#
_entry.id   4P38
#
_cell.length_a   103.516
_cell.length_b   103.516
_cell.length_c   134.780
_cell.angle_alpha   90.00
_cell.angle_beta   90.00
_cell.angle_gamma   120.00
#
_symmetry.space_group_name_H-M   'P 31 2 1'
#
loop_
_entity.id
_entity.type
_entity.pdbx_description
1 polymer 'Corticosteroid 11-beta-dehydrogenase isozyme 1'
2 non-polymer 'NADPH DIHYDRO-NICOTINAMIDE-ADENINE-DINUCLEOTIDE PHOSPHATE'
3 non-polymer '4-[4-(2-adamantylcarbamoyl)-5-tert-butyl-pyrazol-1-yl]benzoic acid'
4 non-polymer 'CHLORIDE ION'
5 water water
#
_entity_poly.entity_id   1
_entity_poly.type   'polypeptide(L)'
_entity_poly.pdbx_seq_one_letter_code
;EFRPEMLQGKKVIVTGASKGIGREMAYHLAKMGAHVVVTARSKETLQKVVSHCLELGAASAHYIAGTMEDMTFAEQFVAQ
AGKLMGGLDMLILNHITNTSLNLFHDDIHHVRKSMEVNFLSYVVLTVAALPMLKQSNGSIVVVSSLAGKVAYPLVAAYSA
SKFALDGFFSSIRKEYSVSRVNVSITLCVLGLIDTETAMKAVSGIVHMQAAPKEECALEIIKGGALRQEEVYYDSSRWTT
LLIRNPSRKILEELYSTSYNWDRFI
;
_entity_poly.pdbx_strand_id   A,B
#
loop_
_chem_comp.id
_chem_comp.type
_chem_comp.name
_chem_comp.formula
21T non-polymer '4-[4-(2-adamantylcarbamoyl)-5-tert-butyl-pyrazol-1-yl]benzoic acid' 'C25 H31 N3 O3'
CL non-polymer 'CHLORIDE ION' 'Cl -1'
NDP non-polymer 'NADPH DIHYDRO-NICOTINAMIDE-ADENINE-DINUCLEOTIDE PHOSPHATE' 'C21 H30 N7 O17 P3'
#
# COMPACT_ATOMS: atom_id res chain seq x y z
N GLU A 1 28.54 -13.17 -10.27
CA GLU A 1 28.06 -13.41 -8.89
C GLU A 1 27.07 -14.61 -8.81
N PHE A 2 25.98 -14.57 -9.61
CA PHE A 2 24.98 -15.63 -9.67
C PHE A 2 25.48 -16.78 -10.54
N ARG A 3 25.02 -18.00 -10.21
CA ARG A 3 25.31 -19.22 -10.94
C ARG A 3 24.01 -19.99 -11.15
N PRO A 4 23.78 -20.63 -12.32
CA PRO A 4 22.53 -21.38 -12.51
C PRO A 4 22.41 -22.63 -11.62
N GLU A 5 23.56 -23.15 -11.18
CA GLU A 5 23.72 -24.32 -10.31
C GLU A 5 23.10 -24.06 -8.92
N MET A 6 22.93 -22.77 -8.55
CA MET A 6 22.35 -22.31 -7.28
C MET A 6 20.89 -22.77 -7.12
N LEU A 7 20.18 -22.99 -8.24
CA LEU A 7 18.77 -23.40 -8.23
C LEU A 7 18.54 -24.90 -8.41
N GLN A 8 19.61 -25.65 -8.74
CA GLN A 8 19.60 -27.09 -8.96
C GLN A 8 19.16 -27.87 -7.70
N GLY A 9 18.04 -28.57 -7.83
CA GLY A 9 17.45 -29.40 -6.77
C GLY A 9 16.63 -28.65 -5.74
N LYS A 10 16.47 -27.31 -5.92
CA LYS A 10 15.72 -26.46 -5.00
C LYS A 10 14.21 -26.65 -5.19
N LYS A 11 13.46 -26.39 -4.11
CA LYS A 11 12.02 -26.56 -4.06
C LYS A 11 11.33 -25.19 -4.15
N VAL A 12 10.86 -24.86 -5.36
CA VAL A 12 10.27 -23.56 -5.67
C VAL A 12 8.77 -23.58 -6.02
N ILE A 13 7.99 -22.64 -5.42
CA ILE A 13 6.58 -22.41 -5.75
C ILE A 13 6.54 -21.15 -6.63
N VAL A 14 5.75 -21.18 -7.73
CA VAL A 14 5.52 -20.02 -8.60
C VAL A 14 4.00 -19.86 -8.79
N THR A 15 3.44 -18.74 -8.30
CA THR A 15 2.03 -18.43 -8.47
C THR A 15 1.86 -17.62 -9.77
N GLY A 16 0.67 -17.67 -10.37
CA GLY A 16 0.43 -17.03 -11.66
C GLY A 16 1.42 -17.47 -12.73
N ALA A 17 1.65 -18.82 -12.82
CA ALA A 17 2.61 -19.49 -13.70
C ALA A 17 2.03 -20.18 -14.90
N SER A 18 0.70 -20.02 -15.19
CA SER A 18 0.08 -20.58 -16.39
C SER A 18 0.47 -19.76 -17.62
N LYS A 19 0.80 -18.47 -17.44
CA LYS A 19 1.21 -17.55 -18.51
C LYS A 19 2.20 -16.46 -18.03
N GLY A 20 2.54 -15.53 -18.91
CA GLY A 20 3.38 -14.37 -18.66
C GLY A 20 4.72 -14.64 -18.02
N ILE A 21 5.11 -13.74 -17.08
CA ILE A 21 6.38 -13.75 -16.32
C ILE A 21 6.51 -15.02 -15.45
N GLY A 22 5.41 -15.46 -14.82
CA GLY A 22 5.38 -16.64 -13.97
C GLY A 22 5.78 -17.91 -14.69
N ARG A 23 5.27 -18.06 -15.91
CA ARG A 23 5.51 -19.17 -16.82
C ARG A 23 7.00 -19.18 -17.25
N GLU A 24 7.55 -17.99 -17.52
CA GLU A 24 8.94 -17.80 -17.93
C GLU A 24 9.91 -18.16 -16.81
N MET A 25 9.54 -17.79 -15.54
CA MET A 25 10.29 -18.09 -14.31
C MET A 25 10.29 -19.59 -14.08
N ALA A 26 9.09 -20.24 -14.20
CA ALA A 26 8.94 -21.69 -14.07
C ALA A 26 9.90 -22.39 -15.02
N TYR A 27 9.91 -21.99 -16.32
CA TYR A 27 10.79 -22.52 -17.36
C TYR A 27 12.26 -22.32 -17.05
N HIS A 28 12.61 -21.14 -16.49
CA HIS A 28 13.98 -20.80 -16.11
C HIS A 28 14.48 -21.74 -15.04
N LEU A 29 13.65 -21.92 -13.98
CA LEU A 29 13.89 -22.81 -12.85
C LEU A 29 14.04 -24.24 -13.35
N ALA A 30 13.17 -24.68 -14.31
CA ALA A 30 13.24 -25.99 -14.93
C ALA A 30 14.58 -26.23 -15.64
N LYS A 31 15.07 -25.25 -16.46
CA LYS A 31 16.37 -25.31 -17.17
C LYS A 31 17.50 -25.48 -16.15
N MET A 32 17.34 -24.87 -14.95
CA MET A 32 18.31 -24.95 -13.85
C MET A 32 18.22 -26.24 -12.99
N GLY A 33 17.20 -27.08 -13.26
CA GLY A 33 16.96 -28.35 -12.58
C GLY A 33 16.32 -28.27 -11.21
N ALA A 34 15.36 -27.36 -11.04
CA ALA A 34 14.64 -27.17 -9.79
C ALA A 34 13.40 -28.08 -9.72
N HIS A 35 12.85 -28.30 -8.50
CA HIS A 35 11.57 -28.99 -8.24
C HIS A 35 10.59 -27.83 -8.24
N VAL A 36 9.56 -27.87 -9.09
CA VAL A 36 8.59 -26.77 -9.18
C VAL A 36 7.16 -27.20 -8.98
N VAL A 37 6.41 -26.36 -8.23
CA VAL A 37 4.96 -26.49 -8.03
C VAL A 37 4.38 -25.16 -8.48
N VAL A 38 3.68 -25.20 -9.61
CA VAL A 38 3.07 -24.05 -10.26
C VAL A 38 1.55 -23.95 -9.98
N THR A 39 1.01 -22.71 -10.00
CA THR A 39 -0.41 -22.47 -9.81
C THR A 39 -0.98 -21.32 -10.65
N ALA A 40 -2.30 -21.40 -10.87
CA ALA A 40 -3.19 -20.47 -11.54
C ALA A 40 -4.54 -21.13 -11.50
N ARG A 41 -5.58 -20.46 -12.02
CA ARG A 41 -6.92 -21.06 -12.04
C ARG A 41 -7.15 -22.10 -13.12
N SER A 42 -6.45 -21.99 -14.26
CA SER A 42 -6.61 -22.88 -15.42
C SER A 42 -5.74 -24.14 -15.41
N LYS A 43 -6.39 -25.30 -15.17
CA LYS A 43 -5.72 -26.61 -15.12
C LYS A 43 -5.03 -27.02 -16.42
N GLU A 44 -5.65 -26.70 -17.55
CA GLU A 44 -5.14 -27.03 -18.87
C GLU A 44 -3.87 -26.28 -19.23
N THR A 45 -3.84 -24.96 -19.01
CA THR A 45 -2.67 -24.13 -19.32
C THR A 45 -1.50 -24.56 -18.42
N LEU A 46 -1.77 -24.81 -17.11
CA LEU A 46 -0.78 -25.27 -16.13
C LEU A 46 -0.18 -26.62 -16.57
N GLN A 47 -1.04 -27.54 -17.01
CA GLN A 47 -0.60 -28.85 -17.47
C GLN A 47 0.42 -28.72 -18.64
N LYS A 48 0.19 -27.72 -19.54
CA LYS A 48 1.08 -27.41 -20.68
C LYS A 48 2.42 -26.86 -20.21
N VAL A 49 2.42 -26.04 -19.14
CA VAL A 49 3.60 -25.42 -18.53
C VAL A 49 4.46 -26.49 -17.82
N VAL A 50 3.81 -27.43 -17.09
CA VAL A 50 4.43 -28.54 -16.36
C VAL A 50 5.11 -29.51 -17.34
N SER A 51 4.40 -29.83 -18.44
CA SER A 51 4.89 -30.70 -19.52
C SER A 51 6.19 -30.15 -20.09
N HIS A 52 6.25 -28.82 -20.37
CA HIS A 52 7.44 -28.15 -20.90
C HIS A 52 8.58 -28.08 -19.87
N CYS A 53 8.24 -27.93 -18.57
CA CYS A 53 9.20 -27.87 -17.47
C CYS A 53 9.97 -29.17 -17.33
N LEU A 54 9.31 -30.30 -17.54
CA LEU A 54 9.96 -31.62 -17.50
C LEU A 54 10.91 -31.83 -18.68
N GLU A 55 10.51 -31.33 -19.90
CA GLU A 55 11.32 -31.38 -21.13
C GLU A 55 12.58 -30.53 -20.93
N LEU A 56 12.42 -29.37 -20.27
CA LEU A 56 13.51 -28.44 -19.99
C LEU A 56 14.52 -29.00 -18.99
N GLY A 57 14.08 -29.96 -18.18
CA GLY A 57 14.93 -30.61 -17.19
C GLY A 57 14.64 -30.33 -15.73
N ALA A 58 13.41 -29.91 -15.38
CA ALA A 58 13.04 -29.69 -13.98
C ALA A 58 13.19 -31.04 -13.24
N ALA A 59 13.70 -31.00 -12.00
CA ALA A 59 13.87 -32.18 -11.14
C ALA A 59 12.51 -32.87 -10.93
N SER A 60 11.43 -32.08 -10.80
CA SER A 60 10.03 -32.46 -10.66
C SER A 60 9.15 -31.23 -10.85
N ALA A 61 8.17 -31.33 -11.75
CA ALA A 61 7.23 -30.23 -12.02
C ALA A 61 5.79 -30.70 -11.75
N HIS A 62 5.07 -29.96 -10.90
CA HIS A 62 3.67 -30.25 -10.52
C HIS A 62 2.84 -28.98 -10.58
N TYR A 63 1.50 -29.14 -10.68
CA TYR A 63 0.55 -28.04 -10.68
C TYR A 63 -0.62 -28.32 -9.72
N ILE A 64 -1.16 -27.24 -9.11
CA ILE A 64 -2.34 -27.26 -8.24
C ILE A 64 -3.12 -26.04 -8.68
N ALA A 65 -4.28 -26.27 -9.28
CA ALA A 65 -5.16 -25.24 -9.79
C ALA A 65 -6.19 -24.74 -8.76
N GLY A 66 -6.34 -23.42 -8.69
CA GLY A 66 -7.30 -22.74 -7.84
C GLY A 66 -7.19 -21.23 -7.94
N THR A 67 -8.16 -20.52 -7.30
CA THR A 67 -8.25 -19.07 -7.23
C THR A 67 -7.71 -18.54 -5.94
N MET A 68 -6.81 -17.55 -6.08
CA MET A 68 -6.16 -16.86 -4.96
C MET A 68 -7.09 -15.84 -4.31
N GLU A 69 -8.41 -15.90 -4.66
CA GLU A 69 -9.53 -15.12 -4.09
C GLU A 69 -9.93 -15.88 -2.83
N ASP A 70 -9.78 -17.23 -2.90
CA ASP A 70 -10.06 -18.19 -1.85
C ASP A 70 -8.83 -18.32 -0.96
N MET A 71 -8.94 -17.78 0.25
CA MET A 71 -7.87 -17.78 1.24
C MET A 71 -7.62 -19.16 1.85
N THR A 72 -8.63 -20.02 1.77
CA THR A 72 -8.46 -21.38 2.25
C THR A 72 -7.67 -22.20 1.19
N PHE A 73 -7.92 -21.95 -0.13
CA PHE A 73 -7.13 -22.57 -1.19
C PHE A 73 -5.66 -22.17 -1.00
N ALA A 74 -5.39 -20.84 -0.87
CA ALA A 74 -4.06 -20.26 -0.70
C ALA A 74 -3.26 -20.93 0.43
N GLU A 75 -3.89 -21.09 1.60
CA GLU A 75 -3.33 -21.73 2.81
C GLU A 75 -2.99 -23.20 2.58
N GLN A 76 -3.97 -23.98 2.03
CA GLN A 76 -3.89 -25.41 1.71
C GLN A 76 -2.89 -25.71 0.61
N PHE A 77 -2.86 -24.88 -0.44
CA PHE A 77 -1.95 -25.02 -1.59
C PHE A 77 -0.50 -25.17 -1.16
N VAL A 78 -0.07 -24.36 -0.19
CA VAL A 78 1.29 -24.35 0.34
C VAL A 78 1.65 -25.70 0.99
N ALA A 79 0.73 -26.26 1.76
CA ALA A 79 0.88 -27.55 2.43
C ALA A 79 1.03 -28.66 1.41
N GLN A 80 0.13 -28.71 0.41
CA GLN A 80 0.11 -29.69 -0.69
C GLN A 80 1.38 -29.62 -1.54
N ALA A 81 1.82 -28.39 -1.90
CA ALA A 81 3.04 -28.15 -2.69
C ALA A 81 4.28 -28.61 -1.88
N GLY A 82 4.30 -28.27 -0.60
CA GLY A 82 5.35 -28.65 0.33
C GLY A 82 5.50 -30.14 0.47
N LYS A 83 4.37 -30.89 0.46
CA LYS A 83 4.35 -32.36 0.52
C LYS A 83 4.91 -32.96 -0.78
N LEU A 84 4.54 -32.39 -1.95
CA LEU A 84 4.96 -32.86 -3.29
C LEU A 84 6.47 -32.83 -3.50
N MET A 85 7.10 -31.73 -3.03
CA MET A 85 8.54 -31.45 -3.13
C MET A 85 9.33 -31.87 -1.87
N GLY A 86 8.61 -32.16 -0.77
CA GLY A 86 9.19 -32.55 0.52
C GLY A 86 9.98 -31.41 1.14
N GLY A 87 9.43 -30.21 1.01
CA GLY A 87 10.04 -28.98 1.49
C GLY A 87 9.79 -27.79 0.59
N LEU A 88 10.37 -26.65 0.97
CA LEU A 88 10.28 -25.39 0.24
C LEU A 88 11.54 -24.55 0.49
N ASP A 89 12.17 -24.13 -0.60
CA ASP A 89 13.39 -23.31 -0.61
C ASP A 89 13.08 -21.87 -1.01
N MET A 90 12.15 -21.68 -1.98
CA MET A 90 11.77 -20.36 -2.50
C MET A 90 10.26 -20.28 -2.77
N LEU A 91 9.67 -19.13 -2.42
CA LEU A 91 8.26 -18.87 -2.65
C LEU A 91 8.15 -17.63 -3.52
N ILE A 92 7.74 -17.85 -4.80
CA ILE A 92 7.60 -16.79 -5.78
C ILE A 92 6.14 -16.38 -5.94
N LEU A 93 5.77 -15.28 -5.27
CA LEU A 93 4.42 -14.70 -5.25
C LEU A 93 4.32 -13.71 -6.42
N ASN A 94 3.55 -14.09 -7.46
CA ASN A 94 3.49 -13.38 -8.73
C ASN A 94 2.08 -13.04 -9.29
N HIS A 95 1.06 -13.88 -9.04
CA HIS A 95 -0.33 -13.70 -9.51
C HIS A 95 -0.92 -12.35 -9.16
N ILE A 96 -1.91 -11.93 -9.95
CA ILE A 96 -2.69 -10.70 -9.77
C ILE A 96 -4.06 -10.95 -10.34
N THR A 97 -5.08 -10.24 -9.82
CA THR A 97 -6.43 -10.29 -10.37
C THR A 97 -6.42 -9.50 -11.69
N ASN A 98 -7.30 -9.87 -12.63
CA ASN A 98 -7.35 -9.19 -13.91
C ASN A 98 -7.65 -7.68 -13.75
N THR A 99 -6.81 -6.86 -14.37
CA THR A 99 -6.83 -5.40 -14.34
C THR A 99 -6.62 -4.91 -15.78
N SER A 100 -7.16 -3.72 -16.06
CA SER A 100 -7.01 -3.02 -17.33
C SER A 100 -6.77 -1.54 -16.98
N LEU A 101 -6.26 -0.75 -17.94
CA LEU A 101 -6.09 0.69 -17.72
C LEU A 101 -7.47 1.33 -17.82
N ASN A 102 -7.91 2.00 -16.75
CA ASN A 102 -9.21 2.68 -16.66
C ASN A 102 -9.23 3.71 -15.54
N LEU A 103 -10.03 4.78 -15.72
CA LEU A 103 -10.21 5.80 -14.70
C LEU A 103 -11.02 5.21 -13.53
N PHE A 104 -10.66 5.59 -12.29
CA PHE A 104 -11.39 5.15 -11.12
C PHE A 104 -12.63 6.01 -10.98
N HIS A 105 -13.78 5.35 -10.75
CA HIS A 105 -15.02 6.07 -10.55
C HIS A 105 -15.72 5.64 -9.25
N ASP A 106 -16.20 4.40 -9.20
CA ASP A 106 -17.04 3.88 -8.14
C ASP A 106 -16.67 2.43 -7.81
N ASP A 107 -15.59 1.87 -8.42
CA ASP A 107 -15.29 0.44 -8.22
C ASP A 107 -14.62 -0.03 -6.95
N ILE A 108 -15.38 -0.04 -5.84
CA ILE A 108 -14.88 -0.54 -4.56
C ILE A 108 -14.64 -2.03 -4.68
N HIS A 109 -15.49 -2.72 -5.42
CA HIS A 109 -15.39 -4.15 -5.65
C HIS A 109 -14.07 -4.52 -6.28
N HIS A 110 -13.58 -3.71 -7.25
CA HIS A 110 -12.29 -3.93 -7.86
C HIS A 110 -11.15 -3.61 -6.91
N VAL A 111 -11.29 -2.51 -6.12
CA VAL A 111 -10.26 -2.10 -5.13
C VAL A 111 -10.03 -3.20 -4.08
N ARG A 112 -11.13 -3.78 -3.58
CA ARG A 112 -11.09 -4.83 -2.58
C ARG A 112 -10.56 -6.13 -3.20
N LYS A 113 -11.07 -6.54 -4.38
CA LYS A 113 -10.64 -7.77 -5.07
C LYS A 113 -9.14 -7.68 -5.38
N SER A 114 -8.62 -6.47 -5.73
CA SER A 114 -7.19 -6.18 -5.93
C SER A 114 -6.46 -6.39 -4.60
N MET A 115 -7.03 -5.90 -3.50
CA MET A 115 -6.42 -6.05 -2.20
C MET A 115 -6.36 -7.48 -1.72
N GLU A 116 -7.44 -8.25 -1.94
CA GLU A 116 -7.53 -9.67 -1.57
C GLU A 116 -6.59 -10.54 -2.39
N VAL A 117 -6.73 -10.49 -3.74
CA VAL A 117 -5.89 -11.25 -4.67
C VAL A 117 -4.40 -10.79 -4.71
N ASN A 118 -4.15 -9.52 -5.10
CA ASN A 118 -2.79 -8.98 -5.24
C ASN A 118 -2.01 -8.82 -3.96
N PHE A 119 -2.66 -8.69 -2.79
CA PHE A 119 -1.98 -8.46 -1.51
C PHE A 119 -2.24 -9.49 -0.38
N LEU A 120 -3.48 -9.61 0.13
CA LEU A 120 -3.81 -10.52 1.23
C LEU A 120 -3.41 -11.95 0.96
N SER A 121 -3.73 -12.47 -0.24
CA SER A 121 -3.37 -13.84 -0.62
C SER A 121 -1.86 -14.09 -0.47
N TYR A 122 -1.04 -13.05 -0.69
CA TYR A 122 0.40 -13.11 -0.57
C TYR A 122 0.80 -13.33 0.89
N VAL A 123 0.12 -12.62 1.82
CA VAL A 123 0.33 -12.71 3.27
C VAL A 123 -0.06 -14.13 3.75
N VAL A 124 -1.26 -14.66 3.33
CA VAL A 124 -1.78 -16.02 3.66
C VAL A 124 -0.78 -17.12 3.20
N LEU A 125 -0.28 -16.96 1.98
CA LEU A 125 0.73 -17.82 1.36
C LEU A 125 2.02 -17.79 2.21
N THR A 126 2.62 -16.60 2.40
CA THR A 126 3.80 -16.38 3.25
C THR A 126 3.65 -17.06 4.62
N VAL A 127 2.52 -16.78 5.33
CA VAL A 127 2.24 -17.34 6.66
C VAL A 127 2.36 -18.86 6.63
N ALA A 128 1.70 -19.50 5.65
CA ALA A 128 1.67 -20.94 5.44
C ALA A 128 3.04 -21.54 5.02
N ALA A 129 3.88 -20.73 4.33
CA ALA A 129 5.18 -21.16 3.81
C ALA A 129 6.32 -20.92 4.76
N LEU A 130 6.19 -19.94 5.66
CA LEU A 130 7.22 -19.54 6.64
C LEU A 130 7.85 -20.69 7.47
N PRO A 131 7.10 -21.68 8.04
CA PRO A 131 7.77 -22.80 8.73
C PRO A 131 8.73 -23.58 7.82
N MET A 132 8.32 -23.89 6.56
CA MET A 132 9.19 -24.61 5.61
C MET A 132 10.40 -23.78 5.19
N LEU A 133 10.20 -22.46 5.04
CA LEU A 133 11.26 -21.54 4.63
C LEU A 133 12.24 -21.28 5.76
N LYS A 134 11.74 -21.29 6.99
CA LYS A 134 12.57 -21.11 8.18
C LYS A 134 13.54 -22.29 8.31
N GLN A 135 13.04 -23.55 8.14
CA GLN A 135 13.84 -24.76 8.24
C GLN A 135 14.78 -25.01 7.07
N SER A 136 14.61 -24.24 5.98
CA SER A 136 15.45 -24.34 4.79
C SER A 136 16.26 -23.04 4.55
N ASN A 137 16.17 -22.05 5.47
CA ASN A 137 16.75 -20.71 5.35
C ASN A 137 16.45 -20.11 3.97
N GLY A 138 15.15 -20.13 3.64
CA GLY A 138 14.54 -19.77 2.36
C GLY A 138 14.43 -18.33 1.93
N SER A 139 13.68 -18.15 0.83
CA SER A 139 13.48 -16.86 0.18
C SER A 139 12.05 -16.62 -0.28
N ILE A 140 11.51 -15.44 0.07
CA ILE A 140 10.22 -14.98 -0.45
C ILE A 140 10.59 -14.01 -1.56
N VAL A 141 9.94 -14.17 -2.73
CA VAL A 141 10.12 -13.31 -3.89
C VAL A 141 8.74 -12.72 -4.21
N VAL A 142 8.60 -11.40 -4.00
CA VAL A 142 7.36 -10.66 -4.19
C VAL A 142 7.48 -9.83 -5.49
N VAL A 143 6.57 -10.08 -6.46
CA VAL A 143 6.58 -9.41 -7.75
C VAL A 143 5.68 -8.17 -7.74
N SER A 144 6.32 -6.97 -7.70
CA SER A 144 5.66 -5.68 -7.65
C SER A 144 5.84 -4.95 -9.00
N SER A 145 5.70 -3.61 -9.01
CA SER A 145 5.75 -2.81 -10.23
C SER A 145 6.33 -1.42 -9.94
N LEU A 146 6.63 -0.66 -11.01
CA LEU A 146 7.04 0.75 -10.94
C LEU A 146 5.83 1.46 -10.32
N ALA A 147 4.59 1.04 -10.74
CA ALA A 147 3.29 1.48 -10.20
C ALA A 147 3.09 1.11 -8.67
N GLY A 148 4.04 0.40 -8.08
CA GLY A 148 4.06 0.07 -6.65
C GLY A 148 5.15 0.82 -5.88
N LYS A 149 5.81 1.80 -6.55
CA LYS A 149 6.88 2.68 -6.05
C LYS A 149 6.59 4.12 -6.39
N VAL A 150 5.96 4.37 -7.57
CA VAL A 150 5.62 5.65 -8.21
C VAL A 150 4.11 5.65 -8.62
N ALA A 151 3.46 6.85 -8.64
CA ALA A 151 2.04 7.00 -8.98
C ALA A 151 1.72 7.24 -10.47
N TYR A 152 0.93 6.34 -11.05
CA TYR A 152 0.51 6.44 -12.45
C TYR A 152 -1.03 6.49 -12.53
N PRO A 153 -1.63 7.28 -13.46
CA PRO A 153 -3.10 7.26 -13.58
C PRO A 153 -3.58 5.94 -14.18
N LEU A 154 -4.89 5.64 -14.08
CA LEU A 154 -5.52 4.45 -14.70
C LEU A 154 -5.30 3.05 -14.06
N VAL A 155 -4.50 2.96 -12.99
CA VAL A 155 -4.21 1.73 -12.23
C VAL A 155 -4.20 2.01 -10.70
N ALA A 156 -5.18 2.79 -10.20
CA ALA A 156 -5.32 3.17 -8.79
C ALA A 156 -5.43 1.96 -7.84
N ALA A 157 -6.36 1.01 -8.11
CA ALA A 157 -6.56 -0.22 -7.31
C ALA A 157 -5.31 -1.11 -7.35
N TYR A 158 -4.71 -1.23 -8.53
CA TYR A 158 -3.50 -1.98 -8.77
C TYR A 158 -2.34 -1.36 -7.99
N SER A 159 -2.10 -0.03 -8.15
CA SER A 159 -1.07 0.72 -7.44
C SER A 159 -1.23 0.57 -5.93
N ALA A 160 -2.47 0.68 -5.42
CA ALA A 160 -2.75 0.55 -3.99
C ALA A 160 -2.28 -0.79 -3.45
N SER A 161 -2.57 -1.90 -4.18
CA SER A 161 -2.15 -3.27 -3.80
C SER A 161 -0.62 -3.51 -3.88
N LYS A 162 0.05 -2.91 -4.88
CA LYS A 162 1.49 -3.08 -5.03
C LYS A 162 2.26 -2.22 -4.02
N PHE A 163 1.67 -1.09 -3.60
CA PHE A 163 2.24 -0.22 -2.57
C PHE A 163 2.16 -0.95 -1.21
N ALA A 164 1.03 -1.63 -0.94
CA ALA A 164 0.79 -2.43 0.27
C ALA A 164 1.84 -3.53 0.42
N LEU A 165 2.19 -4.27 -0.68
CA LEU A 165 3.21 -5.33 -0.68
C LEU A 165 4.54 -4.77 -0.17
N ASP A 166 4.88 -3.53 -0.60
CA ASP A 166 6.10 -2.85 -0.18
C ASP A 166 6.03 -2.59 1.34
N GLY A 167 4.96 -1.96 1.77
CA GLY A 167 4.75 -1.65 3.17
C GLY A 167 4.86 -2.86 4.05
N PHE A 168 4.09 -3.90 3.71
CA PHE A 168 4.07 -5.14 4.49
C PHE A 168 5.40 -5.86 4.49
N PHE A 169 5.87 -6.29 3.33
CA PHE A 169 7.09 -7.08 3.24
C PHE A 169 8.37 -6.38 3.67
N SER A 170 8.50 -5.08 3.40
CA SER A 170 9.68 -4.30 3.81
C SER A 170 9.76 -4.18 5.36
N SER A 171 8.58 -3.99 6.00
CA SER A 171 8.36 -3.95 7.45
C SER A 171 8.67 -5.34 8.04
N ILE A 172 8.04 -6.44 7.50
CA ILE A 172 8.34 -7.82 7.96
C ILE A 172 9.83 -8.19 7.80
N ARG A 173 10.51 -7.63 6.80
CA ARG A 173 11.96 -7.83 6.60
C ARG A 173 12.74 -7.20 7.78
N LYS A 174 12.34 -5.98 8.21
CA LYS A 174 12.95 -5.31 9.37
C LYS A 174 12.79 -6.19 10.62
N GLU A 175 11.60 -6.78 10.79
CA GLU A 175 11.25 -7.69 11.87
C GLU A 175 12.12 -8.96 11.84
N TYR A 176 12.25 -9.61 10.66
CA TYR A 176 13.05 -10.83 10.47
C TYR A 176 14.50 -10.60 10.92
N SER A 177 15.02 -9.38 10.71
CA SER A 177 16.35 -8.96 11.14
C SER A 177 16.44 -8.93 12.69
N VAL A 178 15.45 -8.32 13.37
CA VAL A 178 15.38 -8.26 14.83
C VAL A 178 15.12 -9.65 15.45
N SER A 179 14.09 -10.38 14.94
CA SER A 179 13.74 -11.72 15.41
C SER A 179 14.68 -12.83 14.87
N ARG A 180 15.80 -12.45 14.23
CA ARG A 180 16.82 -13.33 13.66
C ARG A 180 16.24 -14.53 12.89
N VAL A 181 15.30 -14.23 11.95
CA VAL A 181 14.63 -15.20 11.08
C VAL A 181 15.36 -15.14 9.74
N ASN A 182 16.17 -16.19 9.46
CA ASN A 182 16.99 -16.24 8.27
C ASN A 182 16.26 -16.71 7.03
N VAL A 183 15.25 -15.92 6.63
CA VAL A 183 14.39 -16.05 5.45
C VAL A 183 14.48 -14.69 4.78
N SER A 184 14.97 -14.66 3.51
CA SER A 184 15.15 -13.42 2.74
C SER A 184 13.88 -13.01 2.01
N ILE A 185 13.69 -11.70 1.80
CA ILE A 185 12.52 -11.13 1.09
C ILE A 185 13.00 -10.24 -0.06
N THR A 186 12.61 -10.58 -1.29
CA THR A 186 13.00 -9.84 -2.49
C THR A 186 11.77 -9.21 -3.11
N LEU A 187 11.75 -7.88 -3.21
CA LEU A 187 10.65 -7.15 -3.84
C LEU A 187 11.13 -6.76 -5.23
N CYS A 188 10.39 -7.21 -6.26
CA CYS A 188 10.72 -7.00 -7.65
C CYS A 188 9.91 -5.86 -8.23
N VAL A 189 10.60 -4.73 -8.54
CA VAL A 189 10.01 -3.51 -9.09
C VAL A 189 10.20 -3.51 -10.61
N LEU A 190 9.18 -4.02 -11.33
CA LEU A 190 9.24 -4.16 -12.78
C LEU A 190 8.57 -3.06 -13.54
N GLY A 191 9.14 -2.73 -14.68
CA GLY A 191 8.56 -1.81 -15.65
C GLY A 191 7.65 -2.61 -16.57
N LEU A 192 7.18 -2.03 -17.65
CA LEU A 192 6.33 -2.76 -18.54
C LEU A 192 7.08 -3.89 -19.16
N ILE A 193 6.43 -5.03 -19.25
CA ILE A 193 7.01 -6.27 -19.70
C ILE A 193 6.09 -6.86 -20.75
N ASP A 194 6.65 -7.42 -21.82
CA ASP A 194 5.85 -7.79 -22.97
C ASP A 194 5.16 -9.11 -22.84
N THR A 195 4.15 -9.14 -22.01
CA THR A 195 3.33 -10.31 -21.88
C THR A 195 2.07 -10.01 -22.64
N GLU A 196 1.35 -11.05 -23.02
CA GLU A 196 0.14 -10.90 -23.78
C GLU A 196 -0.87 -10.08 -23.00
N THR A 197 -0.99 -10.33 -21.70
CA THR A 197 -1.85 -9.50 -20.85
C THR A 197 -1.50 -8.00 -20.93
N ALA A 198 -0.21 -7.64 -20.77
CA ALA A 198 0.24 -6.25 -20.78
C ALA A 198 0.14 -5.65 -22.16
N MET A 199 0.58 -6.41 -23.16
CA MET A 199 0.57 -5.97 -24.54
C MET A 199 -0.82 -5.75 -25.07
N LYS A 200 -1.83 -6.46 -24.52
CA LYS A 200 -3.23 -6.31 -24.93
C LYS A 200 -3.77 -5.07 -24.22
N ALA A 201 -3.27 -4.81 -22.99
CA ALA A 201 -3.66 -3.67 -22.15
C ALA A 201 -3.16 -2.35 -22.71
N VAL A 202 -2.03 -2.42 -23.41
CA VAL A 202 -1.26 -1.31 -23.95
C VAL A 202 -1.40 -1.10 -25.49
N SER A 203 -2.12 -1.99 -26.19
CA SER A 203 -2.34 -1.93 -27.64
C SER A 203 -2.69 -0.52 -28.10
N GLY A 204 -1.86 0.02 -28.99
CA GLY A 204 -2.06 1.34 -29.56
C GLY A 204 -1.15 2.41 -28.99
N ILE A 205 -0.77 2.29 -27.71
CA ILE A 205 0.15 3.22 -27.00
C ILE A 205 1.55 2.84 -27.50
N VAL A 206 1.85 3.31 -28.73
CA VAL A 206 3.04 3.05 -29.58
C VAL A 206 4.39 3.53 -28.97
N HIS A 207 4.32 4.63 -28.18
CA HIS A 207 5.48 5.25 -27.54
C HIS A 207 5.91 4.49 -26.29
N MET A 208 5.00 3.64 -25.74
CA MET A 208 5.21 2.78 -24.55
C MET A 208 5.95 1.55 -25.02
N GLN A 209 7.12 1.30 -24.43
CA GLN A 209 8.01 0.24 -24.88
C GLN A 209 8.33 -0.84 -23.85
N ALA A 210 7.80 -2.06 -24.08
CA ALA A 210 7.93 -3.24 -23.23
C ALA A 210 9.33 -3.81 -23.23
N ALA A 211 9.65 -4.56 -22.17
CA ALA A 211 10.96 -5.19 -21.95
C ALA A 211 10.77 -6.70 -22.13
N PRO A 212 11.86 -7.47 -22.41
CA PRO A 212 11.67 -8.91 -22.62
C PRO A 212 11.29 -9.70 -21.37
N LYS A 213 10.08 -10.36 -21.39
CA LYS A 213 9.58 -11.20 -20.29
C LYS A 213 10.57 -12.30 -19.85
N GLU A 214 11.33 -12.84 -20.82
CA GLU A 214 12.33 -13.91 -20.64
C GLU A 214 13.44 -13.46 -19.71
N GLU A 215 14.11 -12.36 -20.04
CA GLU A 215 15.20 -11.80 -19.23
C GLU A 215 14.65 -11.31 -17.89
N CYS A 216 13.51 -10.63 -17.92
CA CYS A 216 12.82 -10.15 -16.72
C CYS A 216 12.67 -11.25 -15.70
N ALA A 217 12.11 -12.41 -16.12
CA ALA A 217 11.87 -13.58 -15.28
C ALA A 217 13.18 -14.12 -14.70
N LEU A 218 14.27 -14.09 -15.49
CA LEU A 218 15.60 -14.53 -15.06
C LEU A 218 16.13 -13.61 -13.98
N GLU A 219 16.02 -12.29 -14.20
CA GLU A 219 16.43 -11.23 -13.28
C GLU A 219 15.73 -11.36 -11.91
N ILE A 220 14.45 -11.81 -11.89
CA ILE A 220 13.68 -12.05 -10.68
C ILE A 220 14.29 -13.25 -9.90
N ILE A 221 14.62 -14.34 -10.61
CA ILE A 221 15.23 -15.54 -10.01
C ILE A 221 16.60 -15.18 -9.45
N LYS A 222 17.49 -14.57 -10.28
CA LYS A 222 18.82 -14.09 -9.89
C LYS A 222 18.75 -13.28 -8.58
N GLY A 223 17.81 -12.32 -8.48
CA GLY A 223 17.62 -11.48 -7.31
C GLY A 223 17.30 -12.21 -6.03
N GLY A 224 16.31 -13.10 -6.07
CA GLY A 224 15.90 -13.91 -4.92
C GLY A 224 16.99 -14.89 -4.52
N ALA A 225 17.60 -15.56 -5.49
CA ALA A 225 18.70 -16.50 -5.25
C ALA A 225 19.87 -15.79 -4.54
N LEU A 226 20.18 -14.57 -4.96
CA LEU A 226 21.24 -13.74 -4.38
C LEU A 226 20.75 -12.98 -3.14
N ARG A 227 19.51 -13.27 -2.70
CA ARG A 227 18.89 -12.70 -1.48
C ARG A 227 18.86 -11.15 -1.45
N GLN A 228 18.80 -10.50 -2.63
CA GLN A 228 18.73 -9.03 -2.78
C GLN A 228 17.38 -8.56 -2.28
N GLU A 229 17.35 -7.42 -1.59
CA GLU A 229 16.13 -6.87 -1.02
C GLU A 229 15.22 -6.36 -2.13
N GLU A 230 15.82 -5.69 -3.13
CA GLU A 230 15.05 -5.12 -4.25
C GLU A 230 15.67 -5.39 -5.59
N VAL A 231 14.81 -5.71 -6.58
CA VAL A 231 15.16 -5.98 -7.98
C VAL A 231 14.43 -4.98 -8.84
N TYR A 232 15.15 -4.31 -9.77
CA TYR A 232 14.59 -3.28 -10.68
C TYR A 232 14.77 -3.72 -12.13
N TYR A 233 13.69 -3.68 -12.92
CA TYR A 233 13.77 -4.09 -14.30
C TYR A 233 12.80 -3.32 -15.17
N ASP A 234 13.31 -2.30 -15.90
CA ASP A 234 12.58 -1.47 -16.87
C ASP A 234 13.43 -1.44 -18.13
N SER A 235 12.82 -1.10 -19.28
CA SER A 235 13.53 -0.97 -20.55
C SER A 235 14.35 0.34 -20.61
N SER A 236 13.93 1.39 -19.89
CA SER A 236 14.60 2.68 -19.81
C SER A 236 15.79 2.63 -18.86
N ARG A 237 16.91 3.25 -19.27
CA ARG A 237 18.08 3.39 -18.40
C ARG A 237 17.88 4.59 -17.48
N TRP A 238 16.96 5.49 -17.87
CA TRP A 238 16.55 6.67 -17.10
C TRP A 238 15.82 6.19 -15.84
N THR A 239 14.86 5.29 -16.02
CA THR A 239 14.06 4.75 -14.94
C THR A 239 14.88 3.97 -13.92
N THR A 240 15.70 3.04 -14.38
CA THR A 240 16.51 2.22 -13.49
C THR A 240 17.40 3.08 -12.54
N LEU A 241 18.04 4.14 -13.09
CA LEU A 241 18.86 5.09 -12.32
C LEU A 241 18.04 5.88 -11.29
N LEU A 242 16.91 6.47 -11.75
CA LEU A 242 16.04 7.30 -10.95
C LEU A 242 15.10 6.54 -9.97
N ILE A 243 14.83 5.23 -10.19
CA ILE A 243 13.89 4.49 -9.32
C ILE A 243 14.38 4.30 -7.90
N ARG A 244 15.70 4.22 -7.71
CA ARG A 244 16.23 4.01 -6.37
C ARG A 244 16.07 5.23 -5.45
N ASN A 245 15.59 4.97 -4.21
CA ASN A 245 15.41 5.99 -3.16
C ASN A 245 16.39 5.84 -1.97
N PRO A 246 17.60 6.44 -2.09
CA PRO A 246 18.58 6.36 -1.00
C PRO A 246 18.19 7.09 0.28
N SER A 247 17.36 8.15 0.16
CA SER A 247 16.83 8.92 1.29
C SER A 247 16.10 7.97 2.27
N ARG A 248 15.25 7.00 1.75
CA ARG A 248 14.49 5.96 2.47
C ARG A 248 15.42 5.03 3.17
N LYS A 249 16.44 4.49 2.42
CA LYS A 249 17.52 3.62 2.94
C LYS A 249 18.21 4.29 4.16
N ILE A 250 18.50 5.62 4.07
CA ILE A 250 19.13 6.40 5.17
C ILE A 250 18.24 6.38 6.43
N LEU A 251 16.94 6.78 6.26
CA LEU A 251 15.96 6.83 7.34
C LEU A 251 15.78 5.44 8.02
N GLU A 252 15.78 4.37 7.20
CA GLU A 252 15.69 2.98 7.66
C GLU A 252 16.90 2.52 8.43
N GLU A 253 18.11 2.87 7.93
CA GLU A 253 19.40 2.54 8.55
C GLU A 253 19.58 3.25 9.88
N LEU A 254 19.07 4.51 10.00
CA LEU A 254 19.15 5.31 11.20
C LEU A 254 18.27 4.72 12.31
N TYR A 255 17.05 4.25 11.97
CA TYR A 255 16.11 3.65 12.91
C TYR A 255 16.62 2.28 13.38
N SER A 256 17.34 1.58 12.50
CA SER A 256 17.90 0.25 12.74
C SER A 256 18.99 0.34 13.80
N THR A 257 19.69 1.48 13.78
CA THR A 257 20.80 1.86 14.64
C THR A 257 20.34 2.46 15.97
N SER A 258 19.39 3.40 15.90
CA SER A 258 18.84 4.14 17.04
C SER A 258 18.11 3.27 18.06
N TYR A 259 17.41 2.20 17.60
CA TYR A 259 16.58 1.36 18.46
C TYR A 259 16.94 -0.12 18.52
N ASN A 260 16.73 -0.69 19.72
CA ASN A 260 16.90 -2.09 20.04
C ASN A 260 15.53 -2.63 20.44
N TRP A 261 15.07 -3.67 19.71
CA TRP A 261 13.73 -4.26 19.90
C TRP A 261 13.77 -5.68 20.49
N ASP A 262 14.92 -6.05 21.11
CA ASP A 262 15.13 -7.38 21.71
C ASP A 262 14.10 -7.80 22.80
N ARG A 263 13.45 -6.83 23.48
CA ARG A 263 12.42 -7.07 24.49
C ARG A 263 11.00 -7.29 23.88
N PHE A 264 10.96 -7.86 22.68
CA PHE A 264 9.76 -8.23 21.90
C PHE A 264 9.98 -9.69 21.39
N ILE A 265 11.26 -10.01 21.08
CA ILE A 265 11.72 -11.32 20.66
C ILE A 265 11.79 -12.27 21.87
N GLU B 1 1.62 32.78 3.91
CA GLU B 1 0.84 32.18 2.83
C GLU B 1 -0.60 31.80 3.28
N PHE B 2 -0.74 30.96 4.33
CA PHE B 2 -2.04 30.55 4.89
C PHE B 2 -2.60 31.64 5.79
N ARG B 3 -3.93 31.73 5.85
CA ARG B 3 -4.70 32.67 6.66
C ARG B 3 -5.82 31.86 7.37
N PRO B 4 -6.14 32.11 8.66
CA PRO B 4 -7.21 31.33 9.33
C PRO B 4 -8.61 31.57 8.76
N GLU B 5 -8.79 32.74 8.12
CA GLU B 5 -10.01 33.21 7.45
C GLU B 5 -10.40 32.30 6.26
N MET B 6 -9.42 31.53 5.75
CA MET B 6 -9.58 30.59 4.64
C MET B 6 -10.56 29.44 4.97
N LEU B 7 -10.71 29.12 6.27
CA LEU B 7 -11.59 28.05 6.72
C LEU B 7 -12.97 28.52 7.23
N GLN B 8 -13.14 29.83 7.37
CA GLN B 8 -14.36 30.48 7.83
C GLN B 8 -15.56 30.19 6.90
N GLY B 9 -16.57 29.52 7.45
CA GLY B 9 -17.80 29.16 6.77
C GLY B 9 -17.73 27.92 5.91
N LYS B 10 -16.56 27.25 5.88
CA LYS B 10 -16.33 26.03 5.09
C LYS B 10 -17.00 24.82 5.74
N LYS B 11 -17.35 23.83 4.91
CA LYS B 11 -18.04 22.61 5.30
C LYS B 11 -17.06 21.45 5.33
N VAL B 12 -16.59 21.11 6.56
CA VAL B 12 -15.56 20.11 6.78
C VAL B 12 -16.01 18.85 7.54
N ILE B 13 -15.63 17.65 7.04
CA ILE B 13 -15.83 16.38 7.72
C ILE B 13 -14.48 15.96 8.32
N VAL B 14 -14.48 15.48 9.60
CA VAL B 14 -13.28 14.95 10.27
C VAL B 14 -13.62 13.57 10.84
N THR B 15 -12.94 12.52 10.34
CA THR B 15 -13.11 11.17 10.85
C THR B 15 -12.10 10.92 11.97
N GLY B 16 -12.41 10.01 12.88
CA GLY B 16 -11.57 9.75 14.03
C GLY B 16 -11.34 11.02 14.85
N ALA B 17 -12.45 11.71 15.21
CA ALA B 17 -12.47 13.00 15.88
C ALA B 17 -12.86 12.98 17.36
N SER B 18 -13.10 11.79 17.94
CA SER B 18 -13.45 11.71 19.37
C SER B 18 -12.21 11.88 20.25
N LYS B 19 -11.02 11.57 19.69
CA LYS B 19 -9.73 11.70 20.36
C LYS B 19 -8.58 12.09 19.41
N GLY B 20 -7.38 12.18 19.99
CA GLY B 20 -6.13 12.46 19.29
C GLY B 20 -6.11 13.65 18.37
N ILE B 21 -5.42 13.46 17.21
CA ILE B 21 -5.22 14.45 16.15
C ILE B 21 -6.53 14.95 15.54
N GLY B 22 -7.48 14.04 15.32
CA GLY B 22 -8.79 14.36 14.74
C GLY B 22 -9.57 15.37 15.55
N ARG B 23 -9.55 15.18 16.87
CA ARG B 23 -10.19 16.04 17.85
C ARG B 23 -9.58 17.41 17.79
N GLU B 24 -8.25 17.48 17.72
CA GLU B 24 -7.47 18.73 17.69
C GLU B 24 -7.75 19.54 16.44
N MET B 25 -7.92 18.84 15.29
CA MET B 25 -8.26 19.41 13.97
C MET B 25 -9.65 19.98 14.03
N ALA B 26 -10.61 19.21 14.59
CA ALA B 26 -11.98 19.66 14.75
C ALA B 26 -12.01 21.01 15.50
N TYR B 27 -11.28 21.09 16.64
CA TYR B 27 -11.16 22.28 17.49
C TYR B 27 -10.53 23.45 16.73
N HIS B 28 -9.52 23.16 15.90
CA HIS B 28 -8.82 24.16 15.08
C HIS B 28 -9.79 24.79 14.10
N LEU B 29 -10.57 23.92 13.40
CA LEU B 29 -11.61 24.30 12.43
C LEU B 29 -12.73 25.11 13.11
N ALA B 30 -13.02 24.78 14.39
CA ALA B 30 -14.00 25.46 15.21
C ALA B 30 -13.55 26.90 15.55
N LYS B 31 -12.25 27.07 15.87
CA LYS B 31 -11.66 28.38 16.19
C LYS B 31 -11.72 29.25 14.94
N MET B 32 -11.58 28.62 13.73
CA MET B 32 -11.59 29.31 12.43
C MET B 32 -12.99 29.63 11.87
N GLY B 33 -14.03 29.11 12.54
CA GLY B 33 -15.43 29.33 12.21
C GLY B 33 -15.98 28.48 11.08
N ALA B 34 -15.56 27.22 11.00
CA ALA B 34 -16.08 26.32 9.98
C ALA B 34 -17.33 25.55 10.48
N HIS B 35 -18.04 24.91 9.53
CA HIS B 35 -19.17 24.04 9.80
C HIS B 35 -18.50 22.67 9.88
N VAL B 36 -18.66 21.93 10.98
CA VAL B 36 -17.99 20.64 11.15
C VAL B 36 -18.93 19.49 11.46
N VAL B 37 -18.68 18.34 10.83
CA VAL B 37 -19.39 17.08 11.08
C VAL B 37 -18.30 16.09 11.43
N VAL B 38 -18.29 15.64 12.66
CA VAL B 38 -17.30 14.73 13.19
C VAL B 38 -17.81 13.30 13.36
N THR B 39 -16.88 12.34 13.29
CA THR B 39 -17.19 10.91 13.42
C THR B 39 -16.07 10.10 14.11
N ALA B 40 -16.52 9.02 14.78
CA ALA B 40 -15.80 7.97 15.50
C ALA B 40 -16.90 7.08 16.05
N ARG B 41 -16.57 5.99 16.77
CA ARG B 41 -17.58 5.07 17.30
C ARG B 41 -18.28 5.52 18.57
N SER B 42 -17.60 6.34 19.38
CA SER B 42 -18.10 6.80 20.68
C SER B 42 -18.95 8.06 20.68
N LYS B 43 -20.29 7.90 20.82
CA LYS B 43 -21.27 9.00 20.80
C LYS B 43 -21.08 10.03 21.87
N GLU B 44 -20.73 9.56 23.07
CA GLU B 44 -20.59 10.44 24.23
C GLU B 44 -19.37 11.33 24.12
N THR B 45 -18.19 10.79 23.70
CA THR B 45 -16.96 11.59 23.53
C THR B 45 -17.15 12.62 22.42
N LEU B 46 -17.85 12.23 21.32
CA LEU B 46 -18.20 13.09 20.17
C LEU B 46 -19.13 14.23 20.58
N GLN B 47 -20.10 13.93 21.44
CA GLN B 47 -21.01 14.95 21.97
C GLN B 47 -20.25 16.01 22.80
N LYS B 48 -19.22 15.58 23.57
CA LYS B 48 -18.37 16.48 24.37
C LYS B 48 -17.50 17.35 23.47
N VAL B 49 -17.16 16.82 22.27
CA VAL B 49 -16.32 17.46 21.25
C VAL B 49 -17.14 18.49 20.46
N VAL B 50 -18.36 18.11 20.05
CA VAL B 50 -19.30 18.97 19.33
C VAL B 50 -19.71 20.14 20.24
N SER B 51 -19.75 19.91 21.55
CA SER B 51 -20.08 20.97 22.50
C SER B 51 -18.93 21.95 22.70
N HIS B 52 -17.68 21.47 22.63
CA HIS B 52 -16.51 22.34 22.77
C HIS B 52 -16.31 23.16 21.50
N CYS B 53 -16.63 22.57 20.34
CA CYS B 53 -16.49 23.22 19.03
C CYS B 53 -17.37 24.47 18.96
N LEU B 54 -18.62 24.35 19.45
CA LEU B 54 -19.56 25.47 19.44
C LEU B 54 -19.06 26.59 20.34
N GLU B 55 -18.47 26.26 21.52
CA GLU B 55 -17.87 27.22 22.46
C GLU B 55 -16.70 27.94 21.78
N LEU B 56 -15.88 27.20 20.99
CA LEU B 56 -14.72 27.74 20.30
C LEU B 56 -15.11 28.66 19.13
N GLY B 57 -16.34 28.49 18.64
CA GLY B 57 -16.88 29.33 17.57
C GLY B 57 -17.14 28.71 16.21
N ALA B 58 -17.31 27.37 16.15
CA ALA B 58 -17.65 26.70 14.90
C ALA B 58 -18.98 27.26 14.40
N ALA B 59 -19.12 27.46 13.08
CA ALA B 59 -20.35 27.96 12.44
C ALA B 59 -21.52 27.02 12.75
N SER B 60 -21.24 25.69 12.80
CA SER B 60 -22.14 24.59 13.13
C SER B 60 -21.30 23.32 13.34
N ALA B 61 -21.49 22.65 14.47
CA ALA B 61 -20.80 21.41 14.81
C ALA B 61 -21.81 20.30 15.06
N HIS B 62 -21.65 19.16 14.35
CA HIS B 62 -22.51 17.99 14.44
C HIS B 62 -21.68 16.74 14.51
N TYR B 63 -22.27 15.65 15.03
CA TYR B 63 -21.64 14.33 15.11
C TYR B 63 -22.57 13.22 14.59
N ILE B 64 -21.97 12.17 13.99
CA ILE B 64 -22.65 10.96 13.51
C ILE B 64 -21.71 9.86 13.94
N ALA B 65 -22.13 9.04 14.88
CA ALA B 65 -21.33 7.95 15.41
C ALA B 65 -21.56 6.61 14.67
N GLY B 66 -20.46 5.91 14.43
CA GLY B 66 -20.45 4.61 13.78
C GLY B 66 -19.04 4.10 13.55
N THR B 67 -18.95 2.82 13.11
CA THR B 67 -17.70 2.14 12.80
C THR B 67 -17.41 2.13 11.29
N MET B 68 -16.18 2.49 10.94
CA MET B 68 -15.73 2.50 9.55
C MET B 68 -15.36 1.09 9.07
N GLU B 69 -15.73 0.10 9.87
CA GLU B 69 -15.62 -1.34 9.51
C GLU B 69 -16.79 -1.58 8.59
N ASP B 70 -17.88 -0.84 8.83
CA ASP B 70 -19.13 -0.87 8.09
C ASP B 70 -19.04 0.11 6.92
N MET B 71 -18.92 -0.44 5.70
CA MET B 71 -18.80 0.35 4.47
C MET B 71 -20.09 1.06 4.14
N THR B 72 -21.21 0.48 4.55
CA THR B 72 -22.50 1.12 4.31
C THR B 72 -22.65 2.35 5.21
N PHE B 73 -22.15 2.28 6.48
CA PHE B 73 -22.13 3.44 7.37
C PHE B 73 -21.32 4.54 6.70
N ALA B 74 -20.08 4.21 6.27
CA ALA B 74 -19.13 5.13 5.64
C ALA B 74 -19.76 5.89 4.47
N GLU B 75 -20.46 5.18 3.55
CA GLU B 75 -21.16 5.72 2.38
C GLU B 75 -22.29 6.67 2.76
N GLN B 76 -23.16 6.24 3.70
CA GLN B 76 -24.33 6.94 4.23
C GLN B 76 -23.94 8.17 5.03
N PHE B 77 -22.88 8.05 5.88
CA PHE B 77 -22.39 9.13 6.74
C PHE B 77 -22.13 10.41 5.94
N VAL B 78 -21.50 10.27 4.76
CA VAL B 78 -21.15 11.38 3.88
C VAL B 78 -22.42 12.15 3.41
N ALA B 79 -23.46 11.40 3.03
CA ALA B 79 -24.74 11.95 2.58
C ALA B 79 -25.39 12.75 3.69
N GLN B 80 -25.49 12.15 4.91
CA GLN B 80 -26.07 12.74 6.12
C GLN B 80 -25.31 14.01 6.55
N ALA B 81 -23.95 13.95 6.56
CA ALA B 81 -23.08 15.07 6.93
C ALA B 81 -23.28 16.22 5.92
N GLY B 82 -23.31 15.87 4.61
CA GLY B 82 -23.54 16.78 3.50
C GLY B 82 -24.86 17.51 3.61
N LYS B 83 -25.93 16.81 4.04
CA LYS B 83 -27.25 17.39 4.26
C LYS B 83 -27.25 18.36 5.44
N LEU B 84 -26.50 18.06 6.52
CA LEU B 84 -26.41 18.87 7.74
C LEU B 84 -25.67 20.18 7.53
N MET B 85 -24.73 20.20 6.58
CA MET B 85 -23.93 21.38 6.25
C MET B 85 -24.35 22.03 4.93
N GLY B 86 -25.23 21.33 4.21
CA GLY B 86 -25.73 21.78 2.93
C GLY B 86 -24.60 21.91 1.93
N GLY B 87 -23.69 20.94 1.95
CA GLY B 87 -22.52 20.90 1.10
C GLY B 87 -21.31 20.32 1.80
N LEU B 88 -20.19 20.28 1.07
CA LEU B 88 -18.91 19.74 1.50
C LEU B 88 -17.76 20.43 0.77
N ASP B 89 -16.86 21.08 1.55
CA ASP B 89 -15.68 21.80 1.06
C ASP B 89 -14.41 21.00 1.27
N MET B 90 -14.27 20.31 2.42
CA MET B 90 -13.10 19.50 2.77
C MET B 90 -13.48 18.16 3.45
N LEU B 91 -12.77 17.08 3.06
CA LEU B 91 -12.92 15.74 3.60
C LEU B 91 -11.60 15.38 4.31
N ILE B 92 -11.64 15.29 5.64
CA ILE B 92 -10.46 14.93 6.43
C ILE B 92 -10.56 13.49 6.91
N LEU B 93 -9.91 12.57 6.18
CA LEU B 93 -9.88 11.14 6.45
C LEU B 93 -8.70 10.83 7.39
N ASN B 94 -9.02 10.50 8.65
CA ASN B 94 -8.04 10.39 9.73
C ASN B 94 -8.07 9.11 10.60
N HIS B 95 -9.25 8.52 10.84
CA HIS B 95 -9.44 7.30 11.65
C HIS B 95 -8.55 6.13 11.22
N ILE B 96 -8.29 5.21 12.17
CA ILE B 96 -7.54 3.99 11.98
C ILE B 96 -8.06 2.96 12.97
N THR B 97 -7.96 1.66 12.65
CA THR B 97 -8.29 0.56 13.54
C THR B 97 -7.19 0.50 14.61
N ASN B 98 -7.55 0.05 15.81
CA ASN B 98 -6.56 -0.02 16.91
C ASN B 98 -5.39 -0.93 16.55
N THR B 99 -4.19 -0.40 16.73
CA THR B 99 -2.91 -1.07 16.40
C THR B 99 -1.94 -0.84 17.56
N SER B 100 -1.03 -1.79 17.76
CA SER B 100 0.03 -1.73 18.76
C SER B 100 1.34 -2.18 18.09
N LEU B 101 2.49 -1.88 18.70
CA LEU B 101 3.78 -2.35 18.17
C LEU B 101 3.90 -3.82 18.55
N ASN B 102 4.02 -4.71 17.56
CA ASN B 102 4.16 -6.16 17.72
C ASN B 102 4.68 -6.82 16.44
N LEU B 103 5.37 -7.95 16.59
CA LEU B 103 5.91 -8.74 15.48
C LEU B 103 4.73 -9.42 14.76
N PHE B 104 4.78 -9.50 13.43
CA PHE B 104 3.75 -10.18 12.66
C PHE B 104 4.04 -11.67 12.71
N HIS B 105 2.97 -12.46 12.96
CA HIS B 105 3.11 -13.90 12.98
C HIS B 105 2.10 -14.60 12.06
N ASP B 106 0.82 -14.51 12.40
CA ASP B 106 -0.27 -15.23 11.76
C ASP B 106 -1.53 -14.36 11.64
N ASP B 107 -1.46 -13.05 11.98
CA ASP B 107 -2.67 -12.22 12.01
C ASP B 107 -3.22 -11.65 10.72
N ILE B 108 -3.85 -12.52 9.90
CA ILE B 108 -4.50 -12.12 8.66
C ILE B 108 -5.66 -11.23 8.99
N HIS B 109 -6.36 -11.57 10.08
CA HIS B 109 -7.51 -10.83 10.53
C HIS B 109 -7.19 -9.38 10.81
N HIS B 110 -6.01 -9.13 11.42
CA HIS B 110 -5.57 -7.76 11.68
C HIS B 110 -5.16 -7.06 10.37
N VAL B 111 -4.46 -7.78 9.47
CA VAL B 111 -4.02 -7.22 8.18
C VAL B 111 -5.23 -6.75 7.36
N ARG B 112 -6.29 -7.59 7.29
CA ARG B 112 -7.52 -7.31 6.56
C ARG B 112 -8.32 -6.19 7.25
N LYS B 113 -8.53 -6.27 8.58
CA LYS B 113 -9.24 -5.23 9.34
C LYS B 113 -8.55 -3.88 9.18
N SER B 114 -7.19 -3.87 9.17
CA SER B 114 -6.39 -2.68 8.94
C SER B 114 -6.63 -2.15 7.53
N MET B 115 -6.71 -3.03 6.53
CA MET B 115 -7.00 -2.61 5.15
C MET B 115 -8.44 -2.10 4.95
N GLU B 116 -9.42 -2.73 5.59
CA GLU B 116 -10.82 -2.30 5.51
C GLU B 116 -11.00 -0.92 6.20
N VAL B 117 -10.59 -0.82 7.48
CA VAL B 117 -10.69 0.41 8.26
C VAL B 117 -9.74 1.53 7.77
N ASN B 118 -8.41 1.29 7.80
CA ASN B 118 -7.42 2.30 7.43
C ASN B 118 -7.37 2.70 5.97
N PHE B 119 -7.85 1.84 5.05
CA PHE B 119 -7.79 2.10 3.60
C PHE B 119 -9.12 2.11 2.81
N LEU B 120 -9.81 0.96 2.71
CA LEU B 120 -11.07 0.85 1.96
C LEU B 120 -12.11 1.86 2.38
N SER B 121 -12.31 2.02 3.71
CA SER B 121 -13.28 3.00 4.22
C SER B 121 -13.01 4.41 3.69
N TYR B 122 -11.72 4.74 3.45
CA TYR B 122 -11.30 6.02 2.92
C TYR B 122 -11.79 6.18 1.47
N VAL B 123 -11.66 5.11 0.67
CA VAL B 123 -12.11 5.05 -0.73
C VAL B 123 -13.66 5.18 -0.79
N VAL B 124 -14.36 4.47 0.12
CA VAL B 124 -15.82 4.49 0.24
C VAL B 124 -16.30 5.94 0.53
N LEU B 125 -15.70 6.58 1.55
CA LEU B 125 -15.97 7.95 1.95
C LEU B 125 -15.64 8.93 0.82
N THR B 126 -14.54 8.67 0.04
CA THR B 126 -14.10 9.52 -1.08
C THR B 126 -15.12 9.49 -2.23
N VAL B 127 -15.50 8.28 -2.65
CA VAL B 127 -16.48 8.05 -3.71
C VAL B 127 -17.79 8.79 -3.39
N ALA B 128 -18.26 8.65 -2.15
CA ALA B 128 -19.50 9.26 -1.65
C ALA B 128 -19.43 10.79 -1.52
N ALA B 129 -18.22 11.34 -1.30
CA ALA B 129 -18.02 12.78 -1.11
C ALA B 129 -17.73 13.52 -2.40
N LEU B 130 -17.20 12.81 -3.41
CA LEU B 130 -16.77 13.38 -4.67
C LEU B 130 -17.75 14.29 -5.41
N PRO B 131 -19.03 13.94 -5.67
CA PRO B 131 -19.92 14.90 -6.36
C PRO B 131 -20.02 16.25 -5.62
N MET B 132 -20.15 16.21 -4.28
CA MET B 132 -20.23 17.37 -3.38
C MET B 132 -18.98 18.20 -3.42
N LEU B 133 -17.78 17.57 -3.36
CA LEU B 133 -16.51 18.28 -3.43
C LEU B 133 -16.31 18.85 -4.87
N LYS B 134 -16.76 18.11 -5.92
CA LYS B 134 -16.66 18.55 -7.31
C LYS B 134 -17.38 19.89 -7.50
N GLN B 135 -18.62 20.01 -6.97
CA GLN B 135 -19.42 21.24 -7.10
C GLN B 135 -18.94 22.42 -6.22
N SER B 136 -18.01 22.13 -5.30
CA SER B 136 -17.43 23.13 -4.40
C SER B 136 -15.93 23.32 -4.64
N ASN B 137 -15.35 22.64 -5.68
CA ASN B 137 -13.92 22.60 -5.98
C ASN B 137 -13.10 22.33 -4.70
N GLY B 138 -13.50 21.24 -4.01
CA GLY B 138 -13.02 20.79 -2.71
C GLY B 138 -11.64 20.18 -2.54
N SER B 139 -11.43 19.63 -1.33
CA SER B 139 -10.17 19.04 -0.90
C SER B 139 -10.32 17.75 -0.09
N ILE B 140 -9.58 16.70 -0.50
CA ILE B 140 -9.48 15.47 0.28
C ILE B 140 -8.17 15.58 1.05
N VAL B 141 -8.20 15.31 2.34
CA VAL B 141 -7.03 15.32 3.23
C VAL B 141 -6.90 13.92 3.83
N VAL B 142 -5.84 13.21 3.42
CA VAL B 142 -5.55 11.83 3.83
C VAL B 142 -4.41 11.84 4.85
N VAL B 143 -4.67 11.34 6.08
CA VAL B 143 -3.68 11.31 7.17
C VAL B 143 -2.92 9.98 7.17
N SER B 144 -1.65 10.05 6.70
CA SER B 144 -0.75 8.90 6.60
C SER B 144 0.35 9.01 7.67
N SER B 145 1.50 8.33 7.46
CA SER B 145 2.59 8.27 8.42
C SER B 145 3.93 8.14 7.72
N LEU B 146 5.03 8.27 8.47
CA LEU B 146 6.40 8.02 8.03
C LEU B 146 6.40 6.52 7.63
N ALA B 147 5.74 5.69 8.48
CA ALA B 147 5.49 4.26 8.26
C ALA B 147 4.63 3.94 6.96
N GLY B 148 4.14 4.98 6.27
CA GLY B 148 3.42 4.87 5.00
C GLY B 148 4.23 5.37 3.82
N LYS B 149 5.53 5.69 4.05
CA LYS B 149 6.54 6.15 3.08
C LYS B 149 7.83 5.34 3.19
N VAL B 150 8.18 4.90 4.42
CA VAL B 150 9.38 4.17 4.83
C VAL B 150 8.97 2.91 5.67
N ALA B 151 9.80 1.83 5.65
CA ALA B 151 9.50 0.58 6.37
C ALA B 151 10.07 0.47 7.77
N TYR B 152 9.18 0.27 8.74
CA TYR B 152 9.56 0.12 10.14
C TYR B 152 9.10 -1.26 10.67
N PRO B 153 9.88 -1.92 11.57
CA PRO B 153 9.41 -3.20 12.15
C PRO B 153 8.24 -2.95 13.10
N LEU B 154 7.49 -4.01 13.46
CA LEU B 154 6.39 -3.97 14.44
C LEU B 154 5.05 -3.30 14.07
N VAL B 155 4.91 -2.73 12.85
CA VAL B 155 3.68 -2.10 12.31
C VAL B 155 3.43 -2.53 10.82
N ALA B 156 3.62 -3.83 10.51
CA ALA B 156 3.46 -4.39 9.17
C ALA B 156 2.08 -4.14 8.53
N ALA B 157 1.00 -4.51 9.24
CA ALA B 157 -0.38 -4.33 8.76
C ALA B 157 -0.72 -2.83 8.62
N TYR B 158 -0.25 -2.02 9.57
CA TYR B 158 -0.42 -0.58 9.59
C TYR B 158 0.30 0.03 8.41
N SER B 159 1.62 -0.28 8.23
CA SER B 159 2.44 0.18 7.10
C SER B 159 1.78 -0.17 5.77
N ALA B 160 1.31 -1.41 5.62
CA ALA B 160 0.66 -1.88 4.40
C ALA B 160 -0.51 -1.01 4.02
N SER B 161 -1.38 -0.66 4.99
CA SER B 161 -2.56 0.21 4.77
C SER B 161 -2.22 1.66 4.47
N LYS B 162 -1.17 2.21 5.09
CA LYS B 162 -0.75 3.60 4.84
C LYS B 162 -0.03 3.74 3.51
N PHE B 163 0.66 2.66 3.07
CA PHE B 163 1.32 2.59 1.77
C PHE B 163 0.24 2.56 0.65
N ALA B 164 -0.84 1.77 0.85
CA ALA B 164 -1.97 1.68 -0.05
C ALA B 164 -2.62 3.06 -0.28
N LEU B 165 -2.83 3.88 0.80
CA LEU B 165 -3.41 5.23 0.71
C LEU B 165 -2.59 6.07 -0.28
N ASP B 166 -1.24 5.95 -0.21
CA ASP B 166 -0.33 6.66 -1.09
C ASP B 166 -0.57 6.20 -2.54
N GLY B 167 -0.52 4.90 -2.77
CA GLY B 167 -0.73 4.31 -4.08
C GLY B 167 -2.03 4.72 -4.69
N PHE B 168 -3.12 4.57 -3.95
CA PHE B 168 -4.45 4.92 -4.43
C PHE B 168 -4.63 6.41 -4.69
N PHE B 169 -4.49 7.23 -3.66
CA PHE B 169 -4.72 8.65 -3.79
C PHE B 169 -3.77 9.42 -4.71
N SER B 170 -2.47 9.01 -4.76
CA SER B 170 -1.49 9.64 -5.63
C SER B 170 -1.83 9.37 -7.13
N SER B 171 -2.27 8.11 -7.41
CA SER B 171 -2.75 7.62 -8.70
C SER B 171 -4.03 8.39 -9.08
N ILE B 172 -5.08 8.44 -8.18
CA ILE B 172 -6.30 9.22 -8.46
C ILE B 172 -6.01 10.74 -8.66
N ARG B 173 -5.03 11.31 -7.93
CA ARG B 173 -4.60 12.70 -8.16
C ARG B 173 -4.13 12.89 -9.63
N LYS B 174 -3.35 11.91 -10.18
CA LYS B 174 -2.89 11.92 -11.57
C LYS B 174 -4.11 11.92 -12.50
N GLU B 175 -5.10 11.08 -12.20
CA GLU B 175 -6.35 10.95 -12.92
C GLU B 175 -7.16 12.24 -12.90
N TYR B 176 -7.32 12.87 -11.71
CA TYR B 176 -8.06 14.16 -11.56
C TYR B 176 -7.48 15.25 -12.47
N SER B 177 -6.15 15.22 -12.68
CA SER B 177 -5.42 16.12 -13.56
C SER B 177 -5.80 15.88 -15.02
N VAL B 178 -5.84 14.60 -15.46
CA VAL B 178 -6.24 14.21 -16.83
C VAL B 178 -7.75 14.46 -17.06
N SER B 179 -8.62 13.98 -16.13
CA SER B 179 -10.06 14.16 -16.20
C SER B 179 -10.53 15.57 -15.80
N ARG B 180 -9.56 16.48 -15.54
CA ARG B 180 -9.74 17.92 -15.21
C ARG B 180 -10.68 18.18 -14.02
N VAL B 181 -10.63 17.27 -13.02
CA VAL B 181 -11.37 17.30 -11.75
C VAL B 181 -10.64 18.28 -10.80
N ASN B 182 -11.28 19.43 -10.50
CA ASN B 182 -10.67 20.42 -9.62
C ASN B 182 -11.00 20.19 -8.15
N VAL B 183 -10.56 19.02 -7.64
CA VAL B 183 -10.65 18.53 -6.26
C VAL B 183 -9.20 18.18 -5.92
N SER B 184 -8.63 18.82 -4.88
CA SER B 184 -7.26 18.60 -4.44
C SER B 184 -7.15 17.42 -3.47
N ILE B 185 -5.99 16.73 -3.46
CA ILE B 185 -5.72 15.60 -2.56
C ILE B 185 -4.41 15.88 -1.80
N THR B 186 -4.49 15.88 -0.46
CA THR B 186 -3.34 16.16 0.41
C THR B 186 -3.05 14.92 1.22
N LEU B 187 -1.84 14.37 1.07
CA LEU B 187 -1.40 13.22 1.86
C LEU B 187 -0.48 13.76 2.96
N CYS B 188 -0.83 13.48 4.21
CA CYS B 188 -0.11 13.95 5.40
C CYS B 188 0.77 12.87 5.95
N VAL B 189 2.11 13.06 5.83
CA VAL B 189 3.15 12.13 6.28
C VAL B 189 3.66 12.58 7.63
N LEU B 190 3.08 12.03 8.72
CA LEU B 190 3.39 12.41 10.09
C LEU B 190 4.36 11.49 10.78
N GLY B 191 5.21 12.09 11.61
CA GLY B 191 6.15 11.39 12.49
C GLY B 191 5.40 11.05 13.78
N LEU B 192 6.12 10.62 14.80
CA LEU B 192 5.48 10.30 16.06
C LEU B 192 4.88 11.55 16.68
N ILE B 193 3.68 11.41 17.20
CA ILE B 193 2.90 12.53 17.72
C ILE B 193 2.33 12.19 19.07
N ASP B 194 2.28 13.16 19.96
CA ASP B 194 2.03 12.89 21.35
C ASP B 194 0.56 12.76 21.67
N THR B 195 -0.05 11.69 21.21
CA THR B 195 -1.42 11.44 21.53
C THR B 195 -1.39 10.30 22.50
N GLU B 196 -2.44 10.16 23.27
CA GLU B 196 -2.44 9.21 24.34
C GLU B 196 -2.22 7.87 23.73
N THR B 197 -2.85 7.62 22.61
CA THR B 197 -2.70 6.34 21.90
C THR B 197 -1.22 6.02 21.61
N ALA B 198 -0.50 7.02 21.05
CA ALA B 198 0.89 6.91 20.63
C ALA B 198 1.83 6.74 21.80
N MET B 199 1.62 7.53 22.87
CA MET B 199 2.40 7.55 24.09
C MET B 199 2.23 6.29 24.91
N LYS B 200 1.05 5.66 24.84
CA LYS B 200 0.74 4.38 25.50
C LYS B 200 1.47 3.26 24.73
N ALA B 201 1.53 3.39 23.39
CA ALA B 201 2.13 2.41 22.47
C ALA B 201 3.65 2.38 22.58
N VAL B 202 4.21 3.53 22.97
CA VAL B 202 5.64 3.82 23.04
C VAL B 202 6.25 3.80 24.47
N SER B 203 5.41 3.67 25.52
CA SER B 203 5.83 3.64 26.92
C SER B 203 7.09 2.79 27.17
N ILE B 205 10.54 1.72 23.67
CA ILE B 205 10.95 2.84 22.85
C ILE B 205 11.39 3.97 23.74
N VAL B 206 12.62 3.86 24.21
CA VAL B 206 13.14 4.80 25.15
C VAL B 206 13.26 6.21 24.66
N HIS B 207 13.83 6.37 23.48
CA HIS B 207 14.35 7.66 23.07
C HIS B 207 13.48 8.40 22.10
N MET B 208 12.28 7.89 21.86
CA MET B 208 11.45 8.45 20.83
C MET B 208 10.90 9.80 21.19
N GLN B 209 11.17 10.77 20.37
CA GLN B 209 10.60 12.10 20.58
C GLN B 209 9.26 12.19 19.84
N ALA B 210 8.20 12.53 20.59
CA ALA B 210 6.89 12.80 20.05
C ALA B 210 6.77 14.30 19.74
N ALA B 211 5.90 14.65 18.81
CA ALA B 211 5.64 16.04 18.41
C ALA B 211 4.26 16.53 18.95
N PRO B 212 4.02 17.86 19.14
CA PRO B 212 2.72 18.31 19.67
C PRO B 212 1.54 18.06 18.75
N LYS B 213 0.51 17.34 19.25
CA LYS B 213 -0.72 17.01 18.51
C LYS B 213 -1.47 18.25 18.00
N GLU B 214 -1.49 19.35 18.80
N GLU B 214 -1.48 19.34 18.80
CA GLU B 214 -2.14 20.61 18.50
CA GLU B 214 -2.14 20.61 18.49
C GLU B 214 -1.54 21.24 17.23
C GLU B 214 -1.55 21.26 17.25
N GLU B 215 -0.20 21.43 17.18
CA GLU B 215 0.50 22.00 16.00
C GLU B 215 0.37 21.06 14.80
N CYS B 216 0.55 19.76 15.02
CA CYS B 216 0.39 18.74 14.00
C CYS B 216 -0.94 18.88 13.29
N ALA B 217 -2.04 18.94 14.05
CA ALA B 217 -3.40 19.07 13.54
C ALA B 217 -3.58 20.35 12.73
N LEU B 218 -2.94 21.45 13.17
CA LEU B 218 -2.98 22.74 12.46
C LEU B 218 -2.27 22.63 11.12
N GLU B 219 -1.07 21.99 11.12
CA GLU B 219 -0.25 21.76 9.93
C GLU B 219 -1.00 20.95 8.85
N ILE B 220 -1.85 20.00 9.29
CA ILE B 220 -2.70 19.20 8.40
C ILE B 220 -3.77 20.10 7.72
N ILE B 221 -4.43 20.99 8.51
CA ILE B 221 -5.43 21.94 8.00
C ILE B 221 -4.78 22.89 6.99
N LYS B 222 -3.67 23.56 7.42
CA LYS B 222 -2.88 24.45 6.57
C LYS B 222 -2.57 23.82 5.21
N GLY B 223 -2.09 22.57 5.21
CA GLY B 223 -1.75 21.84 3.99
C GLY B 223 -2.88 21.62 3.01
N GLY B 224 -4.02 21.12 3.49
CA GLY B 224 -5.20 20.90 2.68
C GLY B 224 -5.81 22.19 2.17
N ALA B 225 -5.89 23.20 3.05
CA ALA B 225 -6.40 24.53 2.70
C ALA B 225 -5.55 25.14 1.55
N LEU B 226 -4.22 24.96 1.63
CA LEU B 226 -3.30 25.47 0.62
C LEU B 226 -3.17 24.48 -0.56
N ARG B 227 -3.99 23.42 -0.56
CA ARG B 227 -4.06 22.41 -1.64
C ARG B 227 -2.72 21.72 -1.97
N GLN B 228 -1.82 21.62 -0.96
CA GLN B 228 -0.51 20.97 -1.09
C GLN B 228 -0.72 19.49 -1.28
N GLU B 229 0.07 18.86 -2.15
CA GLU B 229 -0.03 17.44 -2.43
C GLU B 229 0.43 16.63 -1.23
N GLU B 230 1.52 17.07 -0.59
CA GLU B 230 2.06 16.36 0.56
C GLU B 230 2.44 17.29 1.71
N VAL B 231 2.14 16.85 2.94
CA VAL B 231 2.43 17.54 4.20
C VAL B 231 3.34 16.63 5.03
N TYR B 232 4.47 17.15 5.55
CA TYR B 232 5.43 16.40 6.36
C TYR B 232 5.54 17.01 7.75
N TYR B 233 5.41 16.20 8.80
CA TYR B 233 5.47 16.71 10.18
C TYR B 233 6.10 15.68 11.11
N ASP B 234 7.40 15.87 11.40
CA ASP B 234 8.21 15.08 12.35
C ASP B 234 8.92 16.08 13.25
N SER B 235 9.38 15.63 14.42
CA SER B 235 10.12 16.48 15.35
C SER B 235 11.59 16.68 14.88
N SER B 236 12.15 15.72 14.12
CA SER B 236 13.50 15.76 13.57
C SER B 236 13.58 16.62 12.31
N ARG B 237 14.67 17.43 12.18
CA ARG B 237 14.91 18.22 10.96
C ARG B 237 15.61 17.34 9.94
N TRP B 238 16.22 16.23 10.42
CA TRP B 238 16.87 15.20 9.61
C TRP B 238 15.79 14.46 8.81
N THR B 239 14.73 14.04 9.48
CA THR B 239 13.63 13.33 8.86
C THR B 239 12.89 14.15 7.81
N THR B 240 12.50 15.37 8.15
CA THR B 240 11.77 16.24 7.23
C THR B 240 12.55 16.45 5.88
N LEU B 241 13.88 16.66 5.96
CA LEU B 241 14.74 16.79 4.77
C LEU B 241 14.82 15.49 3.96
N LEU B 242 15.08 14.37 4.62
CA LEU B 242 15.24 13.05 4.01
C LEU B 242 13.93 12.35 3.57
N ILE B 243 12.76 12.76 4.10
CA ILE B 243 11.51 12.10 3.73
C ILE B 243 11.06 12.36 2.30
N ARG B 244 11.43 13.50 1.73
CA ARG B 244 11.03 13.81 0.37
C ARG B 244 11.72 12.93 -0.69
N ASN B 245 10.92 12.44 -1.65
CA ASN B 245 11.37 11.64 -2.80
C ASN B 245 11.29 12.41 -4.15
N PRO B 246 12.34 13.18 -4.50
CA PRO B 246 12.36 13.89 -5.78
C PRO B 246 12.52 12.98 -7.01
N SER B 247 13.17 11.81 -6.82
CA SER B 247 13.34 10.77 -7.84
C SER B 247 11.96 10.36 -8.40
N ARG B 248 10.97 10.12 -7.49
CA ARG B 248 9.61 9.76 -7.90
C ARG B 248 8.84 10.90 -8.54
N LYS B 249 9.22 12.16 -8.28
CA LYS B 249 8.51 13.29 -8.88
C LYS B 249 8.95 13.54 -10.27
N ILE B 250 10.24 13.28 -10.55
CA ILE B 250 10.88 13.36 -11.87
C ILE B 250 10.25 12.30 -12.77
N LEU B 251 10.16 11.02 -12.27
CA LEU B 251 9.53 9.89 -12.97
C LEU B 251 8.06 10.15 -13.30
N GLU B 252 7.34 10.80 -12.37
CA GLU B 252 5.94 11.17 -12.53
C GLU B 252 5.74 12.24 -13.57
N GLU B 253 6.69 13.20 -13.63
CA GLU B 253 6.67 14.32 -14.58
C GLU B 253 7.07 13.95 -15.95
N LEU B 254 7.83 12.87 -16.08
CA LEU B 254 8.23 12.33 -17.38
C LEU B 254 7.03 11.59 -18.01
N TYR B 255 6.29 10.82 -17.20
CA TYR B 255 5.11 10.06 -17.66
C TYR B 255 3.95 11.00 -17.98
N SER B 256 3.89 12.13 -17.28
CA SER B 256 2.84 13.14 -17.43
C SER B 256 2.98 13.82 -18.77
N THR B 257 4.24 13.95 -19.21
CA THR B 257 4.71 14.57 -20.42
C THR B 257 4.64 13.62 -21.62
N SER B 258 5.15 12.39 -21.45
CA SER B 258 5.22 11.35 -22.47
C SER B 258 3.85 10.88 -22.99
N TYR B 259 2.81 10.83 -22.12
CA TYR B 259 1.49 10.30 -22.47
C TYR B 259 0.30 11.24 -22.34
N ASN B 260 -0.67 11.06 -23.25
CA ASN B 260 -1.95 11.76 -23.28
C ASN B 260 -3.04 10.68 -23.12
N TRP B 261 -3.90 10.83 -22.10
CA TRP B 261 -4.95 9.88 -21.74
C TRP B 261 -6.37 10.40 -21.95
N ASP B 262 -6.52 11.43 -22.82
CA ASP B 262 -7.80 12.10 -23.08
C ASP B 262 -8.99 11.20 -23.47
N ARG B 263 -8.70 10.06 -24.14
CA ARG B 263 -9.74 9.10 -24.56
C ARG B 263 -10.17 8.11 -23.46
N PHE B 264 -10.09 8.55 -22.19
CA PHE B 264 -10.47 7.78 -21.00
C PHE B 264 -11.37 8.64 -20.12
PA NDP C . -0.25 -12.67 -16.75
O1A NDP C . -1.60 -12.09 -16.89
O2A NDP C . 0.33 -13.04 -18.11
O5B NDP C . -0.33 -13.93 -15.84
C5B NDP C . -1.21 -13.84 -14.70
C4B NDP C . -1.24 -15.19 -14.04
O4B NDP C . -2.02 -15.13 -12.82
C3B NDP C . -1.83 -16.31 -14.89
O3B NDP C . -1.16 -17.54 -14.69
C2B NDP C . -3.26 -16.34 -14.39
O2B NDP C . -3.88 -17.60 -14.73
C1B NDP C . -3.08 -16.05 -12.89
N9A NDP C . -4.23 -15.50 -12.17
C8A NDP C . -5.06 -14.48 -12.57
N7A NDP C . -6.06 -14.26 -11.74
C5A NDP C . -5.88 -15.20 -10.74
C6A NDP C . -6.61 -15.50 -9.57
N6A NDP C . -7.70 -14.82 -9.16
N1A NDP C . -6.16 -16.51 -8.79
C2A NDP C . -5.04 -17.15 -9.14
N3A NDP C . -4.26 -16.93 -10.20
C4A NDP C . -4.75 -15.95 -10.97
O3 NDP C . 0.64 -11.57 -15.99
PN NDP C . 2.10 -10.92 -16.09
O1N NDP C . 1.99 -9.77 -17.02
O2N NDP C . 3.08 -12.01 -16.33
O5D NDP C . 2.29 -10.36 -14.62
C5D NDP C . 2.88 -11.13 -13.53
C4D NDP C . 3.30 -10.21 -12.41
O4D NDP C . 4.16 -9.18 -12.93
C3D NDP C . 2.16 -9.48 -11.71
O3D NDP C . 2.37 -9.46 -10.30
C2D NDP C . 2.25 -8.07 -12.29
O2D NDP C . 1.73 -7.08 -11.41
C1D NDP C . 3.78 -7.92 -12.41
N1N NDP C . 4.12 -6.80 -13.38
C2N NDP C . 3.86 -7.01 -14.77
C3N NDP C . 3.99 -5.95 -15.66
C7N NDP C . 3.80 -6.17 -17.14
O7N NDP C . 3.74 -5.18 -17.91
N7N NDP C . 3.63 -7.43 -17.59
C4N NDP C . 4.39 -4.71 -15.17
C5N NDP C . 4.69 -4.54 -13.82
C6N NDP C . 4.57 -5.61 -12.95
P2B NDP C . -5.42 -17.86 -14.60
O1X NDP C . -5.88 -18.15 -13.29
O2X NDP C . -6.03 -16.54 -15.19
O3X NDP C . -5.46 -19.06 -15.58
C1 21T D . 1.52 0.48 -17.64
C2 21T D . 1.99 0.89 -16.26
C3 21T D . 2.21 2.39 -16.24
C7 21T D . 4.88 -1.27 -15.21
C8 21T D . 5.09 1.70 -16.95
C9 21T D . 4.83 1.79 -18.30
C10 21T D . 5.32 2.83 -19.04
C11 21T D . 6.11 3.78 -18.45
C12 21T D . 6.41 3.69 -17.09
C13 21T D . 5.91 2.64 -16.34
C14 21T D . 6.64 4.89 -19.28
C15 21T D . 2.47 -1.93 -14.70
C16 21T D . 0.50 -3.22 -15.31
C19 21T D . -0.87 -3.86 -17.81
C20 21T D . -1.92 -4.83 -17.29
C21 21T D . -1.76 -4.99 -15.80
C22 21T D . -1.95 -3.65 -15.12
C24 21T D . 0.67 -4.58 -16.01
C4 21T D . 0.91 0.57 -15.25
C5 21T D . 3.29 0.14 -15.92
C6 21T D . 3.49 -1.07 -15.24
N1 21T D . 5.56 -0.32 -15.80
N2 21T D . 4.59 0.58 -16.23
O1 21T D . 6.65 4.68 -20.52
O2 21T D . 7.04 5.92 -18.66
O3 21T D . 2.46 -2.27 -13.53
N3 21T D . 1.58 -2.34 -15.66
C17 21T D . -0.89 -2.66 -15.63
C18 21T D . -1.05 -2.51 -17.14
C23 21T D . -0.38 -5.54 -15.49
C25 21T D . 0.51 -4.41 -17.50
CL CL E . 2.69 -14.20 -22.13
PA NDP F . -6.17 7.93 18.09
O1A NDP F . -6.20 6.49 18.52
O2A NDP F . -5.96 8.87 19.30
O5B NDP F . -7.54 8.28 17.40
C5B NDP F . -8.06 7.47 16.33
C4B NDP F . -9.48 7.89 16.05
O4B NDP F . -10.11 6.93 15.19
C3B NDP F . -10.37 8.04 17.28
O3B NDP F . -11.16 9.24 17.26
C2B NDP F . -11.23 6.78 17.23
O2B NDP F . -12.51 6.95 17.87
C1B NDP F . -11.35 6.51 15.74
N9A NDP F . -11.56 5.10 15.42
C8A NDP F . -10.84 4.04 15.89
N7A NDP F . -11.26 2.87 15.49
C5A NDP F . -12.35 3.18 14.68
C6A NDP F . -13.25 2.37 13.95
N6A NDP F . -13.21 1.03 13.96
N1A NDP F . -14.20 3.00 13.22
C2A NDP F . -14.27 4.33 13.26
N3A NDP F . -13.50 5.19 13.94
C4A NDP F . -12.54 4.55 14.62
O3 NDP F . -5.00 8.13 17.01
PN NDP F . -4.11 9.38 16.53
O1N NDP F . -2.78 9.25 17.15
O2N NDP F . -4.93 10.60 16.77
O5D NDP F . -3.92 9.10 14.97
C5D NDP F . -4.69 9.84 13.98
C4D NDP F . -4.13 9.61 12.59
O4D NDP F . -2.74 10.01 12.55
C3D NDP F . -4.16 8.17 12.06
O3D NDP F . -4.52 8.17 10.68
C2D NDP F . -2.73 7.70 12.33
O2D NDP F . -2.29 6.70 11.42
C1D NDP F . -1.96 8.99 12.00
N1N NDP F . -0.58 9.00 12.62
C2N NDP F . -0.46 9.15 14.00
C3N NDP F . 0.79 9.11 14.60
C7N NDP F . 0.92 9.24 16.08
O7N NDP F . 2.03 9.05 16.63
N7N NDP F . -0.18 9.48 16.79
C4N NDP F . 1.91 8.92 13.79
C5N NDP F . 1.77 8.80 12.42
C6N NDP F . 0.52 8.84 11.84
P2B NDP F . -13.25 5.74 18.57
O1X NDP F . -12.38 4.78 19.30
O2X NDP F . -14.17 6.56 19.40
O3X NDP F . -14.05 5.19 17.41
C1 21T G . 5.91 4.60 16.01
C2 21T G . 6.17 4.54 14.52
C3 21T G . 7.60 4.11 14.30
C7 21T G . 5.03 7.74 12.92
C8 21T G . 8.24 6.98 13.90
C9 21T G . 8.65 7.15 15.21
C10 21T G . 9.99 7.28 15.52
C11 21T G . 10.93 7.26 14.52
C12 21T G . 10.53 7.11 13.19
C13 21T G . 9.18 6.99 12.89
C14 21T G . 12.34 7.40 14.86
C15 21T G . 3.39 5.88 13.42
C16 21T G . 1.58 5.41 15.03
C19 21T G . -0.42 3.92 16.50
C20 21T G . 0.44 3.19 17.49
C21 21T G . 1.89 3.54 17.27
C22 21T G . 2.08 5.04 17.45
C24 21T G . 1.43 3.89 14.85
C4 21T G . 5.27 3.49 13.91
C5 21T G . 5.89 5.91 13.88
C6 21T G . 4.70 6.48 13.39
N1 21T G . 6.30 8.04 13.05
N2 21T G . 6.85 6.90 13.63
O1 21T G . 12.59 7.74 16.04
O2 21T G . 13.18 7.19 13.94
O3 21T G . 2.80 5.47 12.43
N3 21T G . 2.89 5.91 14.70
C17 21T G . 1.19 5.80 16.46
C18 21T G . -0.25 5.41 16.70
C23 21T G . 2.29 3.15 15.85
C25 21T G . -0.02 3.54 15.09
CL CL H . -5.20 12.06 22.57
#